data_6XHK
#
_entry.id   6XHK
#
_cell.length_a   99.237
_cell.length_b   99.237
_cell.length_c   268.757
_cell.angle_alpha   90.000
_cell.angle_beta   90.000
_cell.angle_gamma   120.000
#
_symmetry.space_group_name_H-M   'P 62 2 2'
#
loop_
_entity.id
_entity.type
_entity.pdbx_description
1 polymer 'Ribulose-5-phosphate reductase 1'
2 non-polymer 'NADPH DIHYDRO-NICOTINAMIDE-ADENINE-DINUCLEOTIDE PHOSPHATE'
#
_entity_poly.entity_id   1
_entity_poly.type   'polypeptide(L)'
_entity_poly.pdbx_seq_one_letter_code
;MINQVYQLVAPRQFEVTYNNVDIYSDYVIVRPLYMSI(CME)AADQRYYTGSRDENVLSQKLPMSLIHEGVGEVVFDSKG
VFNKGTKVVMVPNTPTEKDDVIAENYLKSSYFRSSGHDGFMQDFVLLNHDRAVPLPDDIDLSIISYTELVTVSLHAIRRF
EKKSISNKNTFGIWGDGNLGYITAILLRKLYPESKIYVFGKTDYKLSHFSFVDDVFFINKIPEGLTFDHAFECVGGRGSQ
SAINQMIDYISPEGSIALLGVSEFPVEVNTRLVLEKGLTLIGSSRSGSKDFQDVVDLYIQYPDIVDKLALLKGQEFEIAT
INDLTEAFEADLSTSWGKTVLKWIM
;
_entity_poly.pdbx_strand_id   A
#
loop_
_chem_comp.id
_chem_comp.type
_chem_comp.name
_chem_comp.formula
NDP non-polymer 'NADPH DIHYDRO-NICOTINAMIDE-ADENINE-DINUCLEOTIDE PHOSPHATE' 'C21 H30 N7 O17 P3'
#
# COMPACT_ATOMS: atom_id res chain seq x y z
N MET A 1 -9.27 15.46 -27.72
CA MET A 1 -10.00 14.44 -26.95
C MET A 1 -10.48 14.96 -25.57
N ILE A 2 -11.63 14.47 -25.10
CA ILE A 2 -12.27 14.98 -23.88
C ILE A 2 -12.19 13.92 -22.80
N ASN A 3 -11.61 14.30 -21.65
CA ASN A 3 -11.46 13.41 -20.51
C ASN A 3 -12.48 13.79 -19.44
N GLN A 4 -13.20 12.80 -18.91
CA GLN A 4 -14.08 13.02 -17.78
C GLN A 4 -13.32 12.68 -16.52
N VAL A 5 -13.17 13.67 -15.63
CA VAL A 5 -12.53 13.48 -14.34
C VAL A 5 -13.64 13.42 -13.29
N TYR A 6 -13.55 12.45 -12.39
CA TYR A 6 -14.52 12.26 -11.32
C TYR A 6 -13.88 12.77 -10.03
N GLN A 7 -14.16 14.02 -9.71
CA GLN A 7 -13.62 14.71 -8.57
C GLN A 7 -14.58 14.64 -7.38
N LEU A 8 -14.00 14.75 -6.19
CA LEU A 8 -14.77 14.92 -4.96
C LEU A 8 -14.97 16.41 -4.73
N VAL A 9 -16.22 16.86 -4.71
CA VAL A 9 -16.54 18.27 -4.55
C VAL A 9 -17.00 18.58 -3.14
N ALA A 10 -17.33 17.54 -2.36
CA ALA A 10 -17.73 17.62 -0.96
C ALA A 10 -17.66 16.20 -0.43
N PRO A 11 -17.36 16.00 0.85
CA PRO A 11 -17.27 14.64 1.36
C PRO A 11 -18.57 13.88 1.11
N ARG A 12 -18.44 12.59 0.80
CA ARG A 12 -19.57 11.71 0.45
C ARG A 12 -20.34 12.24 -0.77
N GLN A 13 -19.69 12.99 -1.66
CA GLN A 13 -20.39 13.57 -2.82
C GLN A 13 -19.43 13.79 -4.00
N PHE A 14 -19.69 13.10 -5.10
CA PHE A 14 -18.84 13.17 -6.29
C PHE A 14 -19.56 13.93 -7.40
N GLU A 15 -18.78 14.54 -8.29
CA GLU A 15 -19.30 15.23 -9.46
C GLU A 15 -18.20 15.23 -10.53
N VAL A 16 -18.60 15.44 -11.77
CA VAL A 16 -17.74 15.20 -12.93
C VAL A 16 -17.46 16.52 -13.64
N THR A 17 -16.16 16.79 -13.88
CA THR A 17 -15.67 17.93 -14.66
C THR A 17 -14.98 17.40 -15.91
N TYR A 18 -14.51 18.32 -16.77
CA TYR A 18 -13.92 17.95 -18.06
C TYR A 18 -12.59 18.67 -18.25
N ASN A 19 -11.71 18.06 -19.02
CA ASN A 19 -10.51 18.74 -19.49
C ASN A 19 -10.08 18.03 -20.78
N ASN A 20 -9.22 18.70 -21.54
CA ASN A 20 -8.77 18.16 -22.81
C ASN A 20 -7.54 17.31 -22.62
N VAL A 21 -7.35 16.36 -23.53
CA VAL A 21 -6.23 15.41 -23.49
C VAL A 21 -5.63 15.36 -24.88
N ASP A 22 -4.32 15.59 -24.97
CA ASP A 22 -3.62 15.62 -26.25
C ASP A 22 -3.07 14.21 -26.51
N ILE A 23 -3.68 13.51 -27.47
CA ILE A 23 -3.26 12.17 -27.84
C ILE A 23 -1.78 12.16 -28.22
N TYR A 24 -1.27 13.28 -28.72
CA TYR A 24 0.01 13.30 -29.40
C TYR A 24 1.12 13.90 -28.54
N SER A 25 1.02 13.76 -27.23
CA SER A 25 1.97 14.32 -26.29
C SER A 25 2.96 13.25 -25.80
N ASP A 26 4.03 13.70 -25.12
CA ASP A 26 5.08 12.80 -24.65
C ASP A 26 4.63 11.97 -23.47
N TYR A 27 3.32 11.93 -23.23
CA TYR A 27 2.73 11.11 -22.20
C TYR A 27 2.27 9.79 -22.83
N VAL A 28 1.89 8.85 -21.99
CA VAL A 28 1.27 7.61 -22.40
C VAL A 28 -0.14 7.61 -21.81
N ILE A 29 -1.15 7.64 -22.68
CA ILE A 29 -2.55 7.74 -22.26
C ILE A 29 -3.04 6.34 -21.90
N VAL A 30 -3.60 6.20 -20.71
CA VAL A 30 -3.88 4.92 -20.08
C VAL A 30 -5.32 4.90 -19.61
N ARG A 31 -6.05 3.79 -19.92
CA ARG A 31 -7.36 3.78 -19.29
C ARG A 31 -7.31 2.89 -18.06
N PRO A 32 -7.71 3.39 -16.90
CA PRO A 32 -7.70 2.56 -15.71
C PRO A 32 -8.66 1.39 -15.82
N LEU A 33 -8.23 0.24 -15.28
CA LEU A 33 -9.02 -1.00 -15.27
C LEU A 33 -9.47 -1.38 -13.87
N TYR A 34 -8.55 -1.67 -12.97
CA TYR A 34 -8.85 -1.91 -11.56
C TYR A 34 -8.12 -0.89 -10.69
N MET A 35 -8.75 -0.52 -9.57
CA MET A 35 -8.15 0.45 -8.68
C MET A 35 -8.68 0.20 -7.27
N SER A 36 -7.86 0.53 -6.26
CA SER A 36 -8.20 0.22 -4.88
C SER A 36 -8.20 1.48 -4.02
N ILE A 37 -9.13 1.53 -3.07
CA ILE A 37 -9.31 2.65 -2.15
C ILE A 37 -8.26 2.65 -1.03
N CME A 38 -7.59 3.78 -0.83
CA CME A 38 -6.58 3.96 0.20
CB CME A 38 -5.38 4.82 -0.25
SG CME A 38 -3.83 4.59 0.56
SD CME A 38 -3.77 2.55 1.09
CE CME A 38 -4.04 2.47 2.82
CZ CME A 38 -4.25 1.08 3.38
OH CME A 38 -5.48 0.56 2.89
C CME A 38 -7.23 4.64 1.41
O CME A 38 -8.21 5.40 1.34
N ALA A 39 -6.67 4.33 2.58
CA ALA A 39 -6.97 5.01 3.83
C ALA A 39 -6.92 6.54 3.64
N ALA A 40 -5.88 6.97 2.90
CA ALA A 40 -5.72 8.37 2.58
C ALA A 40 -6.92 8.91 1.80
N ASP A 41 -7.44 8.14 0.83
CA ASP A 41 -8.61 8.62 0.08
C ASP A 41 -9.87 8.67 0.93
N GLN A 42 -9.96 7.83 1.97
CA GLN A 42 -11.10 7.84 2.85
C GLN A 42 -11.08 9.05 3.80
N ARG A 43 -9.90 9.53 4.19
CA ARG A 43 -9.81 10.76 4.98
C ARG A 43 -10.57 11.89 4.29
N TYR A 44 -10.35 12.05 2.98
CA TYR A 44 -11.04 13.10 2.24
C TYR A 44 -12.52 12.76 2.04
N TYR A 45 -12.84 11.49 1.77
CA TYR A 45 -14.22 11.15 1.45
C TYR A 45 -15.18 11.47 2.59
N THR A 46 -14.70 11.42 3.84
CA THR A 46 -15.54 11.64 5.02
C THR A 46 -15.11 12.85 5.85
N GLY A 47 -13.82 13.03 6.14
CA GLY A 47 -13.38 14.18 6.95
C GLY A 47 -12.35 13.93 8.06
N ASP A 50 -7.65 19.02 8.96
CA ASP A 50 -8.22 20.34 9.19
C ASP A 50 -9.32 20.63 8.16
N GLU A 51 -10.28 21.51 8.53
CA GLU A 51 -11.32 21.95 7.59
C GLU A 51 -10.83 23.06 6.67
N ASN A 52 -9.68 23.69 6.99
CA ASN A 52 -9.04 24.62 6.07
C ASN A 52 -8.13 23.90 5.07
N VAL A 53 -7.57 22.76 5.47
CA VAL A 53 -6.85 21.90 4.53
C VAL A 53 -7.85 21.11 3.66
N LEU A 54 -9.08 20.90 4.17
CA LEU A 54 -10.11 20.23 3.40
C LEU A 54 -10.65 21.13 2.29
N SER A 55 -10.99 22.38 2.63
CA SER A 55 -11.41 23.35 1.62
C SER A 55 -10.24 23.85 0.76
N GLN A 56 -9.01 23.41 1.01
CA GLN A 56 -7.84 23.81 0.22
C GLN A 56 -7.81 23.09 -1.13
N LYS A 57 -7.51 21.79 -1.11
CA LYS A 57 -7.60 20.96 -2.32
C LYS A 57 -9.03 20.46 -2.55
N LEU A 58 -10.03 21.32 -2.31
CA LEU A 58 -11.41 20.85 -2.10
C LEU A 58 -11.94 20.06 -3.28
N PRO A 59 -11.85 20.53 -4.54
CA PRO A 59 -12.15 19.63 -5.67
C PRO A 59 -10.88 18.90 -6.12
N MET A 60 -10.91 17.56 -6.12
CA MET A 60 -9.74 16.80 -6.58
C MET A 60 -10.16 15.36 -6.84
N SER A 61 -9.43 14.70 -7.76
CA SER A 61 -9.60 13.27 -7.97
C SER A 61 -8.88 12.51 -6.87
N LEU A 62 -9.39 11.30 -6.57
CA LEU A 62 -8.99 10.60 -5.36
C LEU A 62 -7.96 9.50 -5.52
N ILE A 63 -8.35 8.38 -6.12
CA ILE A 63 -7.59 7.13 -5.99
C ILE A 63 -6.18 7.25 -6.56
N HIS A 64 -5.25 6.52 -5.97
CA HIS A 64 -3.86 6.51 -6.36
C HIS A 64 -3.20 5.16 -6.46
N GLU A 65 -3.95 4.14 -6.18
CA GLU A 65 -3.50 2.76 -6.36
C GLU A 65 -4.25 2.16 -7.55
N GLY A 66 -3.55 1.83 -8.65
CA GLY A 66 -4.31 1.26 -9.76
C GLY A 66 -3.50 0.63 -10.86
N VAL A 67 -4.22 -0.06 -11.76
CA VAL A 67 -3.62 -0.68 -12.94
C VAL A 67 -4.55 -0.43 -14.13
N GLY A 68 -4.00 -0.47 -15.35
CA GLY A 68 -4.75 -0.08 -16.53
C GLY A 68 -4.14 -0.56 -17.83
N GLU A 69 -4.82 -0.28 -18.95
CA GLU A 69 -4.34 -0.65 -20.27
C GLU A 69 -3.91 0.60 -21.03
N VAL A 70 -2.86 0.47 -21.84
CA VAL A 70 -2.37 1.55 -22.70
C VAL A 70 -3.32 1.71 -23.87
N VAL A 71 -4.03 2.83 -23.95
CA VAL A 71 -4.87 3.10 -25.10
C VAL A 71 -4.18 3.95 -26.18
N PHE A 72 -3.16 4.71 -25.83
CA PHE A 72 -2.35 5.50 -26.76
C PHE A 72 -0.95 5.67 -26.16
N ASP A 73 0.03 5.82 -27.05
CA ASP A 73 1.43 6.07 -26.68
C ASP A 73 2.10 6.73 -27.88
N SER A 74 2.01 8.06 -27.94
CA SER A 74 2.47 8.75 -29.12
C SER A 74 3.97 8.59 -29.34
N LYS A 75 4.74 8.38 -28.26
CA LYS A 75 6.19 8.18 -28.39
C LYS A 75 6.58 6.74 -28.76
N GLY A 76 5.64 5.82 -28.88
CA GLY A 76 5.89 4.51 -29.49
C GLY A 76 6.60 3.49 -28.63
N VAL A 77 6.47 3.57 -27.30
CA VAL A 77 7.20 2.75 -26.34
C VAL A 77 6.43 1.49 -25.99
N PHE A 78 5.18 1.67 -25.59
CA PHE A 78 4.25 0.60 -25.20
C PHE A 78 3.24 0.39 -26.31
N ASN A 79 3.04 -0.86 -26.72
CA ASN A 79 2.02 -1.16 -27.73
C ASN A 79 0.62 -1.04 -27.13
N LYS A 80 -0.35 -0.76 -28.00
CA LYS A 80 -1.73 -0.60 -27.59
C LYS A 80 -2.21 -1.82 -26.80
N GLY A 81 -3.01 -1.57 -25.77
CA GLY A 81 -3.54 -2.64 -24.95
C GLY A 81 -2.61 -3.21 -23.89
N THR A 82 -1.30 -2.90 -23.93
CA THR A 82 -0.38 -3.39 -22.90
C THR A 82 -0.95 -3.08 -21.52
N LYS A 83 -0.99 -4.11 -20.68
CA LYS A 83 -1.50 -3.97 -19.33
C LYS A 83 -0.36 -3.52 -18.41
N VAL A 84 -0.56 -2.39 -17.71
CA VAL A 84 0.51 -1.74 -16.96
C VAL A 84 0.05 -1.23 -15.59
N VAL A 85 0.94 -1.33 -14.58
CA VAL A 85 0.69 -0.73 -13.26
C VAL A 85 1.12 0.74 -13.27
N MET A 86 0.26 1.59 -12.68
CA MET A 86 0.30 3.05 -12.78
C MET A 86 0.95 3.63 -11.52
N VAL A 87 2.07 4.32 -11.66
CA VAL A 87 2.78 4.87 -10.51
C VAL A 87 2.39 6.32 -10.37
N PRO A 88 2.05 6.79 -9.19
CA PRO A 88 1.56 8.16 -9.06
C PRO A 88 2.72 9.13 -8.87
N ASN A 89 2.44 10.39 -8.56
CA ASN A 89 3.53 11.32 -8.32
C ASN A 89 3.89 11.36 -6.84
N THR A 90 5.20 11.37 -6.57
CA THR A 90 5.67 11.20 -5.20
C THR A 90 5.20 12.29 -4.24
N PRO A 91 4.99 13.57 -4.64
CA PRO A 91 4.35 14.45 -3.66
C PRO A 91 2.82 14.43 -3.78
N ASP A 114 -2.76 14.83 -9.19
CA ASP A 114 -4.09 14.44 -9.64
C ASP A 114 -4.26 12.93 -9.52
N GLY A 115 -5.49 12.45 -9.61
CA GLY A 115 -5.82 11.09 -9.24
C GLY A 115 -6.15 10.18 -10.42
N PHE A 116 -6.75 9.03 -10.08
CA PHE A 116 -7.00 7.98 -11.07
C PHE A 116 -8.47 7.79 -11.41
N MET A 117 -9.39 8.38 -10.67
CA MET A 117 -10.80 8.29 -11.05
C MET A 117 -11.07 9.21 -12.24
N GLN A 118 -10.60 8.80 -13.40
CA GLN A 118 -10.89 9.53 -14.63
C GLN A 118 -10.89 8.55 -15.81
N ASP A 119 -11.40 9.02 -16.95
CA ASP A 119 -11.48 8.15 -18.12
C ASP A 119 -10.09 7.84 -18.68
N PHE A 120 -9.15 8.77 -18.59
CA PHE A 120 -7.79 8.55 -19.08
C PHE A 120 -6.80 9.15 -18.09
N VAL A 121 -5.67 8.45 -17.88
CA VAL A 121 -4.59 8.90 -17.01
C VAL A 121 -3.34 9.06 -17.85
N LEU A 122 -2.73 10.24 -17.81
CA LEU A 122 -1.50 10.49 -18.55
C LEU A 122 -0.30 10.24 -17.65
N LEU A 123 0.67 9.51 -18.15
CA LEU A 123 1.81 9.08 -17.35
C LEU A 123 3.09 9.28 -18.12
N ASN A 124 4.16 9.54 -17.41
CA ASN A 124 5.43 9.50 -18.10
C ASN A 124 5.80 8.06 -18.39
N HIS A 125 6.69 7.87 -19.35
CA HIS A 125 7.03 6.52 -19.74
C HIS A 125 7.69 5.76 -18.61
N ASP A 126 8.36 6.47 -17.72
CA ASP A 126 8.92 5.89 -16.51
C ASP A 126 7.90 5.81 -15.37
N ARG A 127 6.69 6.33 -15.52
CA ARG A 127 5.66 6.19 -14.51
C ARG A 127 4.62 5.11 -14.85
N ALA A 128 4.98 4.16 -15.72
CA ALA A 128 4.06 3.10 -16.17
C ALA A 128 4.84 1.80 -16.37
N VAL A 129 4.47 0.76 -15.63
CA VAL A 129 5.27 -0.45 -15.51
C VAL A 129 4.50 -1.61 -16.15
N PRO A 130 5.07 -2.27 -17.15
CA PRO A 130 4.36 -3.38 -17.82
C PRO A 130 4.29 -4.66 -16.99
N LEU A 131 3.12 -5.32 -17.08
CA LEU A 131 2.69 -6.53 -16.40
C LEU A 131 2.79 -7.74 -17.32
N PRO A 132 2.87 -8.95 -16.76
CA PRO A 132 2.93 -10.15 -17.60
C PRO A 132 1.59 -10.42 -18.25
N ASP A 133 1.62 -11.36 -19.22
CA ASP A 133 0.50 -11.51 -20.14
C ASP A 133 -0.77 -11.93 -19.40
N ASP A 134 -0.69 -13.04 -18.67
CA ASP A 134 -1.79 -13.48 -17.84
C ASP A 134 -1.45 -13.19 -16.39
N ILE A 135 -2.34 -12.49 -15.71
CA ILE A 135 -2.11 -12.12 -14.31
C ILE A 135 -3.39 -11.47 -13.80
N ASP A 136 -3.79 -11.83 -12.59
CA ASP A 136 -5.05 -11.32 -12.03
C ASP A 136 -4.88 -9.84 -11.75
N LEU A 137 -5.49 -9.00 -12.56
CA LEU A 137 -5.27 -7.57 -12.39
C LEU A 137 -6.01 -7.01 -11.18
N SER A 138 -7.12 -7.64 -10.78
CA SER A 138 -7.88 -7.13 -9.65
C SER A 138 -7.03 -7.10 -8.37
N ILE A 139 -6.05 -7.98 -8.26
CA ILE A 139 -5.24 -8.00 -7.06
C ILE A 139 -3.91 -7.27 -7.25
N ILE A 140 -3.40 -7.20 -8.48
CA ILE A 140 -2.35 -6.27 -8.83
C ILE A 140 -2.74 -4.80 -8.61
N SER A 141 -4.03 -4.48 -8.42
CA SER A 141 -4.40 -3.07 -8.27
C SER A 141 -3.73 -2.43 -7.04
N TYR A 142 -3.60 -3.17 -5.94
CA TYR A 142 -2.97 -2.58 -4.75
C TYR A 142 -1.49 -2.95 -4.65
N THR A 143 -0.76 -2.78 -5.76
CA THR A 143 0.70 -2.90 -5.78
C THR A 143 1.43 -1.75 -5.10
N GLU A 144 0.82 -0.57 -4.95
CA GLU A 144 1.47 0.50 -4.17
C GLU A 144 1.78 0.04 -2.75
N LEU A 145 0.86 -0.68 -2.11
CA LEU A 145 1.17 -1.17 -0.77
C LEU A 145 2.36 -2.11 -0.79
N VAL A 146 2.44 -2.96 -1.82
CA VAL A 146 3.57 -3.87 -1.89
C VAL A 146 4.86 -3.09 -2.10
N THR A 147 4.78 -1.97 -2.81
CA THR A 147 6.01 -1.21 -3.03
C THR A 147 6.43 -0.51 -1.73
N VAL A 148 5.47 0.09 -1.01
CA VAL A 148 5.77 0.73 0.28
C VAL A 148 6.48 -0.26 1.19
N SER A 149 5.96 -1.47 1.26
CA SER A 149 6.55 -2.51 2.10
C SER A 149 7.97 -2.86 1.64
N LEU A 150 8.13 -3.23 0.36
CA LEU A 150 9.46 -3.58 -0.12
C LEU A 150 10.45 -2.44 0.09
N HIS A 151 10.02 -1.20 -0.11
CA HIS A 151 10.88 -0.04 0.13
C HIS A 151 11.40 -0.06 1.55
N ALA A 152 10.50 -0.22 2.52
CA ALA A 152 10.93 -0.33 3.92
C ALA A 152 11.94 -1.47 4.10
N ILE A 153 11.61 -2.67 3.63
CA ILE A 153 12.52 -3.81 3.82
C ILE A 153 13.91 -3.50 3.25
N ARG A 154 13.94 -2.85 2.10
CA ARG A 154 15.21 -2.53 1.47
C ARG A 154 15.95 -1.41 2.18
N ARG A 155 15.30 -0.73 3.14
CA ARG A 155 15.99 0.27 3.96
C ARG A 155 16.94 -0.38 4.97
N PHE A 156 16.76 -1.65 5.30
CA PHE A 156 17.79 -2.44 5.98
C PHE A 156 18.82 -2.90 4.96
N GLU A 157 20.04 -2.31 5.03
CA GLU A 157 21.13 -2.69 4.14
C GLU A 157 21.18 -4.20 4.02
N LYS A 158 20.83 -4.72 2.84
CA LYS A 158 20.63 -6.16 2.65
C LYS A 158 21.86 -6.98 3.02
N LYS A 159 23.03 -6.34 3.08
CA LYS A 159 24.25 -7.03 3.48
C LYS A 159 24.24 -7.40 4.96
N SER A 160 23.46 -6.68 5.77
CA SER A 160 23.37 -6.92 7.22
C SER A 160 22.35 -7.98 7.60
N ILE A 161 21.50 -8.41 6.66
CA ILE A 161 20.36 -9.26 6.96
C ILE A 161 20.47 -10.55 6.15
N SER A 162 20.51 -11.69 6.85
CA SER A 162 20.47 -13.03 6.26
C SER A 162 19.13 -13.70 6.54
N ASN A 163 19.01 -14.95 6.09
CA ASN A 163 17.87 -15.78 6.45
C ASN A 163 18.14 -16.42 7.82
N LYS A 164 19.05 -15.79 8.57
CA LYS A 164 19.38 -16.14 9.95
C LYS A 164 18.92 -15.09 10.96
N ASN A 165 18.32 -13.98 10.49
CA ASN A 165 17.76 -12.99 11.40
C ASN A 165 16.41 -13.46 11.92
N THR A 166 15.69 -12.56 12.60
CA THR A 166 14.39 -12.87 13.17
C THR A 166 13.58 -11.58 13.22
N PHE A 167 12.50 -11.51 12.45
CA PHE A 167 11.73 -10.28 12.31
C PHE A 167 10.49 -10.26 13.19
N GLY A 168 10.11 -9.06 13.62
CA GLY A 168 8.80 -8.83 14.23
C GLY A 168 8.03 -7.81 13.42
N ILE A 169 6.70 -7.98 13.39
CA ILE A 169 5.80 -7.11 12.64
C ILE A 169 4.63 -6.74 13.54
N TRP A 170 4.47 -5.45 13.85
CA TRP A 170 3.29 -4.99 14.58
C TRP A 170 2.22 -4.52 13.60
N GLY A 171 0.97 -4.92 13.87
CA GLY A 171 -0.16 -4.62 12.99
C GLY A 171 -0.62 -5.81 12.15
N ASP A 172 -1.85 -6.27 12.39
CA ASP A 172 -2.44 -7.44 11.73
C ASP A 172 -3.30 -7.04 10.52
N GLY A 173 -2.96 -5.97 9.80
CA GLY A 173 -3.75 -5.47 8.69
C GLY A 173 -3.12 -5.60 7.31
N ASN A 174 -3.39 -4.67 6.39
CA ASN A 174 -2.93 -4.84 5.02
C ASN A 174 -1.40 -4.74 4.92
N LEU A 175 -0.81 -3.68 5.49
CA LEU A 175 0.66 -3.57 5.48
C LEU A 175 1.33 -4.69 6.28
N GLY A 176 0.80 -5.00 7.46
CA GLY A 176 1.28 -6.20 8.15
C GLY A 176 1.39 -7.40 7.23
N TYR A 177 0.28 -7.75 6.55
CA TYR A 177 0.20 -8.96 5.74
C TYR A 177 1.17 -8.93 4.56
N ILE A 178 1.21 -7.80 3.85
CA ILE A 178 2.13 -7.71 2.71
C ILE A 178 3.56 -7.87 3.16
N THR A 179 3.94 -7.21 4.25
CA THR A 179 5.31 -7.29 4.75
C THR A 179 5.67 -8.70 5.17
N ALA A 180 4.76 -9.36 5.91
CA ALA A 180 4.97 -10.76 6.26
C ALA A 180 5.24 -11.58 4.99
N ILE A 181 4.43 -11.37 3.94
CA ILE A 181 4.60 -12.11 2.70
C ILE A 181 5.99 -11.89 2.13
N LEU A 182 6.42 -10.62 2.09
CA LEU A 182 7.68 -10.30 1.44
C LEU A 182 8.86 -10.87 2.21
N LEU A 183 8.86 -10.69 3.52
CA LEU A 183 9.93 -11.25 4.33
C LEU A 183 10.02 -12.76 4.14
N ARG A 184 8.86 -13.43 4.05
CA ARG A 184 8.91 -14.89 3.93
C ARG A 184 9.39 -15.31 2.54
N LYS A 185 8.99 -14.57 1.50
CA LYS A 185 9.38 -14.98 0.16
C LYS A 185 10.88 -14.75 -0.05
N LEU A 186 11.43 -13.66 0.48
CA LEU A 186 12.80 -13.31 0.14
C LEU A 186 13.81 -13.54 1.26
N TYR A 187 13.37 -13.74 2.50
CA TYR A 187 14.24 -14.18 3.60
C TYR A 187 13.69 -15.52 4.07
N PRO A 188 13.92 -16.57 3.29
CA PRO A 188 13.12 -17.78 3.44
C PRO A 188 13.48 -18.62 4.66
N GLU A 189 14.74 -18.59 5.11
CA GLU A 189 15.10 -19.40 6.26
C GLU A 189 14.93 -18.64 7.57
N SER A 190 14.61 -17.35 7.52
CA SER A 190 14.47 -16.48 8.67
C SER A 190 13.19 -16.81 9.46
N LYS A 191 13.07 -16.20 10.65
CA LYS A 191 11.91 -16.36 11.51
C LYS A 191 11.10 -15.07 11.46
N ILE A 192 9.76 -15.18 11.51
CA ILE A 192 8.86 -14.03 11.47
C ILE A 192 7.81 -14.18 12.57
N TYR A 193 7.58 -13.11 13.32
CA TYR A 193 6.55 -13.01 14.36
C TYR A 193 5.65 -11.82 14.03
N VAL A 194 4.34 -11.98 14.24
CA VAL A 194 3.37 -10.94 13.95
C VAL A 194 2.59 -10.66 15.23
N PHE A 195 2.38 -9.39 15.53
CA PHE A 195 1.68 -8.94 16.72
C PHE A 195 0.46 -8.14 16.31
N GLY A 196 -0.70 -8.50 16.84
CA GLY A 196 -1.90 -7.79 16.47
C GLY A 196 -2.93 -7.76 17.57
N LYS A 197 -4.18 -7.52 17.21
CA LYS A 197 -5.26 -7.33 18.18
C LYS A 197 -6.44 -8.31 18.06
N THR A 198 -6.71 -8.92 16.91
CA THR A 198 -7.96 -9.65 16.68
C THR A 198 -7.69 -11.03 16.08
N ASP A 199 -8.41 -12.04 16.59
CA ASP A 199 -8.21 -13.40 16.06
C ASP A 199 -8.50 -13.45 14.57
N TYR A 200 -9.63 -12.81 14.14
CA TYR A 200 -9.99 -12.67 12.73
C TYR A 200 -8.75 -12.35 11.87
N LYS A 201 -8.11 -11.20 12.13
CA LYS A 201 -7.05 -10.74 11.26
C LYS A 201 -5.79 -11.58 11.38
N LEU A 202 -5.44 -11.99 12.59
CA LEU A 202 -4.21 -12.75 12.77
C LEU A 202 -4.28 -14.15 12.18
N SER A 203 -5.48 -14.70 12.00
CA SER A 203 -5.61 -16.02 11.39
C SER A 203 -5.08 -16.03 9.95
N HIS A 204 -5.07 -14.88 9.28
CA HIS A 204 -4.61 -14.86 7.90
C HIS A 204 -3.11 -15.08 7.75
N PHE A 205 -2.36 -15.01 8.85
CA PHE A 205 -0.91 -15.15 8.82
C PHE A 205 -0.57 -16.58 9.21
N SER A 206 -0.37 -17.42 8.21
CA SER A 206 -0.15 -18.85 8.39
C SER A 206 1.27 -19.26 8.10
N PHE A 207 1.88 -18.56 7.16
CA PHE A 207 3.25 -18.65 6.67
C PHE A 207 4.27 -17.97 7.61
N VAL A 208 3.73 -17.50 8.75
CA VAL A 208 4.49 -16.90 9.84
C VAL A 208 4.76 -17.94 10.91
N ASP A 209 5.90 -17.78 11.60
CA ASP A 209 6.38 -18.80 12.54
C ASP A 209 5.52 -18.85 13.78
N ASP A 210 5.06 -17.70 14.25
CA ASP A 210 4.13 -17.66 15.36
C ASP A 210 3.46 -16.28 15.33
N VAL A 211 2.33 -16.21 15.99
CA VAL A 211 1.45 -15.04 15.99
C VAL A 211 1.02 -14.74 17.41
N PHE A 212 1.05 -13.46 17.80
CA PHE A 212 0.80 -13.05 19.18
C PHE A 212 -0.23 -11.93 19.26
N PHE A 213 -0.94 -11.87 20.38
CA PHE A 213 -1.72 -10.70 20.77
C PHE A 213 -0.81 -9.72 21.49
N ILE A 214 -1.08 -8.43 21.32
CA ILE A 214 -0.30 -7.42 22.03
C ILE A 214 -0.61 -7.50 23.51
N ASN A 215 -1.68 -8.21 23.86
CA ASN A 215 -2.19 -8.41 25.20
C ASN A 215 -1.46 -9.55 25.89
N LYS A 216 -0.87 -10.45 25.11
CA LYS A 216 -0.47 -11.78 25.53
C LYS A 216 0.87 -12.09 24.86
N ILE A 217 1.88 -11.30 25.22
CA ILE A 217 3.25 -11.50 24.76
C ILE A 217 4.05 -12.18 25.87
N PRO A 218 4.65 -13.33 25.62
CA PRO A 218 5.40 -14.02 26.68
C PRO A 218 6.70 -13.30 27.02
N GLU A 219 7.05 -13.29 28.31
CA GLU A 219 8.40 -12.89 28.68
C GLU A 219 9.40 -13.82 27.98
N GLY A 220 10.54 -13.26 27.60
CA GLY A 220 11.57 -14.04 26.97
C GLY A 220 11.54 -14.05 25.45
N LEU A 221 10.58 -13.38 24.84
CA LEU A 221 10.47 -13.42 23.40
C LEU A 221 11.43 -12.38 22.82
N THR A 222 12.05 -12.73 21.71
CA THR A 222 13.12 -11.86 21.23
C THR A 222 13.24 -11.90 19.73
N PHE A 223 13.77 -10.80 19.17
CA PHE A 223 13.93 -10.57 17.74
C PHE A 223 14.88 -9.39 17.56
N ASP A 224 15.47 -9.29 16.35
CA ASP A 224 16.47 -8.26 16.12
C ASP A 224 16.08 -7.16 15.14
N HIS A 225 15.00 -7.31 14.39
CA HIS A 225 14.58 -6.29 13.43
C HIS A 225 13.06 -6.24 13.44
N ALA A 226 12.48 -5.05 13.36
CA ALA A 226 11.03 -4.96 13.48
C ALA A 226 10.48 -3.93 12.50
N PHE A 227 9.17 -4.08 12.22
CA PHE A 227 8.42 -3.25 11.26
C PHE A 227 7.15 -2.76 11.92
N GLU A 228 6.98 -1.45 11.97
CA GLU A 228 5.76 -0.86 12.53
C GLU A 228 4.77 -0.56 11.40
N CYS A 229 3.71 -1.37 11.32
CA CYS A 229 2.68 -1.30 10.28
C CYS A 229 1.31 -1.00 10.88
N VAL A 230 1.33 -0.17 11.92
CA VAL A 230 0.18 0.36 12.65
C VAL A 230 0.19 1.87 12.49
N GLY A 231 -0.97 2.50 12.38
CA GLY A 231 -1.02 3.93 12.25
C GLY A 231 -1.68 4.61 13.44
N GLY A 232 -1.81 5.93 13.32
CA GLY A 232 -2.75 6.65 14.13
C GLY A 232 -2.35 6.64 15.59
N ARG A 233 -3.37 6.73 16.46
CA ARG A 233 -3.07 6.78 17.87
C ARG A 233 -2.50 5.45 18.36
N GLY A 234 -2.61 4.38 17.54
CA GLY A 234 -2.06 3.09 17.90
C GLY A 234 -0.58 2.92 17.65
N SER A 235 0.00 3.74 16.77
CA SER A 235 1.44 3.73 16.52
C SER A 235 2.24 3.96 17.80
N GLN A 236 1.77 4.88 18.66
CA GLN A 236 2.46 5.16 19.91
C GLN A 236 2.64 3.86 20.71
N SER A 237 1.56 3.11 20.87
CA SER A 237 1.59 1.87 21.64
C SER A 237 2.49 0.85 20.98
N ALA A 238 2.30 0.64 19.68
CA ALA A 238 3.12 -0.32 18.94
C ALA A 238 4.60 -0.02 19.11
N ILE A 239 4.99 1.25 18.99
CA ILE A 239 6.39 1.65 19.04
C ILE A 239 6.98 1.37 20.41
N ASN A 240 6.28 1.82 21.47
CA ASN A 240 6.86 1.58 22.80
C ASN A 240 7.03 0.08 23.04
N GLN A 241 6.05 -0.75 22.63
CA GLN A 241 6.22 -2.20 22.79
C GLN A 241 7.42 -2.77 22.06
N MET A 242 7.57 -2.47 20.77
CA MET A 242 8.74 -3.00 20.09
C MET A 242 10.05 -2.45 20.66
N ILE A 243 10.08 -1.18 21.09
CA ILE A 243 11.26 -0.69 21.79
C ILE A 243 11.57 -1.60 22.97
N ASP A 244 10.54 -1.96 23.76
CA ASP A 244 10.76 -2.74 24.98
C ASP A 244 11.24 -4.15 24.70
N TYR A 245 10.69 -4.80 23.68
CA TYR A 245 10.95 -6.22 23.48
C TYR A 245 12.13 -6.51 22.53
N ILE A 246 12.63 -5.52 21.81
CA ILE A 246 13.57 -5.82 20.73
C ILE A 246 14.97 -6.06 21.30
N SER A 247 15.69 -7.01 20.69
CA SER A 247 17.08 -7.24 21.09
C SER A 247 17.90 -5.96 21.02
N PRO A 248 18.88 -5.80 21.91
CA PRO A 248 19.69 -4.57 21.89
C PRO A 248 20.51 -4.48 20.63
N GLU A 249 20.67 -3.23 20.18
CA GLU A 249 21.29 -2.86 18.91
C GLU A 249 20.43 -3.23 17.72
N GLY A 250 19.14 -3.53 17.94
CA GLY A 250 18.26 -3.83 16.83
C GLY A 250 17.81 -2.60 16.06
N SER A 251 17.33 -2.81 14.83
CA SER A 251 16.78 -1.74 14.01
C SER A 251 15.27 -1.86 13.88
N ILE A 252 14.62 -0.71 13.70
CA ILE A 252 13.16 -0.63 13.59
C ILE A 252 12.77 0.23 12.39
N ALA A 253 11.91 -0.32 11.53
CA ALA A 253 11.37 0.38 10.37
C ALA A 253 9.99 0.94 10.69
N LEU A 254 9.84 2.25 10.52
CA LEU A 254 8.60 2.96 10.82
C LEU A 254 7.81 3.07 9.54
N LEU A 255 6.58 2.55 9.54
CA LEU A 255 5.76 2.63 8.33
C LEU A 255 4.46 3.37 8.54
N GLY A 256 3.90 3.32 9.75
CA GLY A 256 2.60 3.92 10.02
C GLY A 256 2.63 5.42 10.14
N VAL A 257 1.64 6.06 9.54
CA VAL A 257 1.48 7.50 9.57
C VAL A 257 0.72 7.89 10.82
N SER A 258 1.23 8.86 11.59
CA SER A 258 0.47 9.24 12.76
C SER A 258 -0.26 10.57 12.63
N GLU A 259 0.12 11.44 11.69
CA GLU A 259 -0.55 12.72 11.49
C GLU A 259 -0.69 13.47 12.82
N PHE A 260 0.27 13.28 13.69
CA PHE A 260 0.28 13.79 15.05
C PHE A 260 1.60 13.38 15.69
N PRO A 261 1.94 13.96 16.82
CA PRO A 261 3.07 13.45 17.61
C PRO A 261 2.67 12.22 18.39
N VAL A 262 3.68 11.44 18.76
CA VAL A 262 3.50 10.27 19.61
C VAL A 262 4.66 10.23 20.60
N GLU A 263 4.34 9.92 21.87
CA GLU A 263 5.34 9.80 22.93
C GLU A 263 6.26 8.61 22.66
N VAL A 264 7.57 8.84 22.69
CA VAL A 264 8.55 7.76 22.52
C VAL A 264 9.42 7.67 23.76
N ASN A 265 9.72 6.43 24.19
CA ASN A 265 10.67 6.24 25.29
C ASN A 265 12.07 6.23 24.73
N THR A 266 12.65 7.42 24.69
CA THR A 266 13.99 7.59 24.15
C THR A 266 15.05 7.04 25.08
N ARG A 267 14.80 7.06 26.41
CA ARG A 267 15.75 6.48 27.35
C ARG A 267 16.18 5.10 26.89
N LEU A 268 15.22 4.28 26.48
CA LEU A 268 15.48 2.90 26.06
C LEU A 268 16.11 2.79 24.69
N VAL A 269 15.80 3.72 23.78
CA VAL A 269 16.50 3.76 22.49
C VAL A 269 17.99 3.97 22.71
N LEU A 270 18.33 4.80 23.69
CA LEU A 270 19.72 5.02 24.11
C LEU A 270 20.31 3.80 24.79
N GLU A 271 19.70 3.38 25.91
CA GLU A 271 20.23 2.28 26.70
C GLU A 271 20.41 1.04 25.85
N LYS A 272 19.59 0.88 24.80
CA LYS A 272 19.62 -0.32 23.97
C LYS A 272 20.28 -0.13 22.62
N GLY A 273 20.61 1.09 22.22
CA GLY A 273 21.34 1.29 20.99
C GLY A 273 20.51 1.07 19.75
N LEU A 274 19.21 1.35 19.83
CA LEU A 274 18.29 1.03 18.76
C LEU A 274 18.42 2.03 17.61
N THR A 275 18.23 1.53 16.39
CA THR A 275 18.18 2.38 15.20
C THR A 275 16.75 2.38 14.64
N LEU A 276 16.18 3.56 14.46
CA LEU A 276 14.82 3.74 13.96
C LEU A 276 14.86 4.42 12.59
N ILE A 277 14.30 3.76 11.57
CA ILE A 277 14.37 4.23 10.19
C ILE A 277 12.95 4.50 9.68
N GLY A 278 12.72 5.68 9.15
CA GLY A 278 11.42 6.04 8.58
C GLY A 278 11.40 5.80 7.08
N SER A 279 10.31 5.17 6.61
CA SER A 279 10.12 4.83 5.21
C SER A 279 8.71 5.23 4.76
N SER A 280 8.61 5.97 3.65
CA SER A 280 7.29 6.41 3.22
C SER A 280 7.01 6.08 1.76
N ARG A 281 6.79 7.12 0.94
CA ARG A 281 6.45 6.89 -0.44
C ARG A 281 7.59 6.18 -1.14
N SER A 282 7.24 5.44 -2.17
CA SER A 282 8.18 4.64 -2.94
C SER A 282 8.40 5.23 -4.34
N GLY A 283 9.41 4.70 -5.03
CA GLY A 283 9.78 5.17 -6.34
C GLY A 283 9.57 4.09 -7.39
N SER A 284 9.73 4.47 -8.66
CA SER A 284 9.36 3.55 -9.72
C SER A 284 10.31 2.34 -9.79
N LYS A 285 11.51 2.45 -9.21
CA LYS A 285 12.37 1.27 -9.08
C LYS A 285 11.72 0.21 -8.20
N ASP A 286 10.98 0.62 -7.15
CA ASP A 286 10.24 -0.34 -6.33
C ASP A 286 9.08 -0.97 -7.08
N PHE A 287 8.40 -0.22 -7.96
CA PHE A 287 7.36 -0.85 -8.76
C PHE A 287 7.94 -1.87 -9.74
N GLN A 288 9.06 -1.55 -10.38
CA GLN A 288 9.68 -2.53 -11.27
C GLN A 288 10.14 -3.77 -10.49
N ASP A 289 10.73 -3.57 -9.30
CA ASP A 289 11.14 -4.70 -8.47
C ASP A 289 9.96 -5.55 -8.03
N VAL A 290 8.84 -4.92 -7.66
CA VAL A 290 7.67 -5.67 -7.20
C VAL A 290 7.07 -6.47 -8.34
N VAL A 291 7.03 -5.91 -9.55
CA VAL A 291 6.56 -6.66 -10.70
C VAL A 291 7.49 -7.83 -10.98
N ASP A 292 8.80 -7.57 -11.02
CA ASP A 292 9.76 -8.64 -11.28
C ASP A 292 9.66 -9.74 -10.23
N LEU A 293 9.22 -9.39 -9.03
CA LEU A 293 8.94 -10.40 -8.02
C LEU A 293 7.69 -11.20 -8.35
N TYR A 294 6.63 -10.52 -8.80
CA TYR A 294 5.44 -11.25 -9.25
C TYR A 294 5.81 -12.31 -10.28
N ILE A 295 6.70 -11.96 -11.21
CA ILE A 295 7.20 -12.94 -12.18
C ILE A 295 7.88 -14.08 -11.46
N GLN A 296 8.72 -13.76 -10.47
CA GLN A 296 9.62 -14.74 -9.88
C GLN A 296 8.88 -15.72 -8.98
N TYR A 297 8.17 -15.21 -7.96
CA TYR A 297 7.37 -16.04 -7.06
C TYR A 297 5.90 -15.68 -7.26
N PRO A 298 5.17 -16.37 -8.14
CA PRO A 298 3.73 -16.14 -8.22
C PRO A 298 2.99 -16.55 -6.96
N ASP A 299 3.66 -17.27 -6.04
CA ASP A 299 3.10 -17.47 -4.70
C ASP A 299 2.63 -16.15 -4.09
N ILE A 300 3.35 -15.06 -4.38
CA ILE A 300 3.01 -13.75 -3.85
C ILE A 300 1.62 -13.31 -4.31
N VAL A 301 1.38 -13.36 -5.62
CA VAL A 301 0.08 -12.96 -6.16
C VAL A 301 -1.03 -13.82 -5.57
N ASP A 302 -0.74 -15.10 -5.32
CA ASP A 302 -1.75 -15.95 -4.71
C ASP A 302 -1.95 -15.60 -3.23
N LYS A 303 -0.86 -15.31 -2.49
CA LYS A 303 -0.99 -14.90 -1.10
C LYS A 303 -1.62 -13.51 -1.01
N LEU A 304 -1.23 -12.60 -1.92
CA LEU A 304 -1.85 -11.27 -2.00
C LEU A 304 -3.34 -11.34 -2.26
N ALA A 305 -3.79 -12.39 -2.93
CA ALA A 305 -5.20 -12.51 -3.26
C ALA A 305 -6.06 -12.58 -2.00
N LEU A 306 -5.54 -13.16 -0.90
CA LEU A 306 -6.27 -13.20 0.36
C LEU A 306 -6.57 -11.83 0.95
N LEU A 307 -5.95 -10.76 0.43
CA LEU A 307 -6.26 -9.41 0.85
C LEU A 307 -7.42 -8.79 0.10
N LYS A 308 -7.69 -9.26 -1.13
CA LYS A 308 -8.81 -8.74 -1.92
C LYS A 308 -10.09 -8.92 -1.11
N GLY A 309 -10.64 -7.82 -0.62
CA GLY A 309 -11.89 -7.85 0.10
C GLY A 309 -13.07 -7.92 -0.86
N GLN A 310 -13.77 -6.81 -1.01
CA GLN A 310 -14.92 -6.76 -1.92
C GLN A 310 -14.57 -6.00 -3.20
N GLU A 311 -15.18 -6.41 -4.31
CA GLU A 311 -14.98 -5.82 -5.64
C GLU A 311 -16.26 -5.11 -6.07
N PHE A 312 -16.10 -3.99 -6.79
CA PHE A 312 -17.26 -3.19 -7.20
C PHE A 312 -17.08 -2.76 -8.65
N GLU A 313 -18.12 -2.94 -9.46
CA GLU A 313 -18.10 -2.45 -10.84
C GLU A 313 -18.68 -1.04 -10.85
N ILE A 314 -17.88 -0.08 -11.30
CA ILE A 314 -18.21 1.34 -11.17
C ILE A 314 -18.66 1.86 -12.53
N ALA A 315 -19.98 2.00 -12.70
CA ALA A 315 -20.55 2.49 -13.94
C ALA A 315 -21.33 3.78 -13.79
N THR A 316 -21.72 4.17 -12.58
CA THR A 316 -22.37 5.43 -12.27
C THR A 316 -21.71 6.08 -11.04
N ILE A 317 -22.14 7.31 -10.71
CA ILE A 317 -21.66 7.96 -9.50
C ILE A 317 -22.06 7.18 -8.25
N ASN A 318 -23.31 6.70 -8.22
CA ASN A 318 -23.78 5.90 -7.09
C ASN A 318 -22.89 4.70 -6.85
N ASP A 319 -22.44 4.05 -7.92
CA ASP A 319 -21.61 2.86 -7.74
C ASP A 319 -20.32 3.19 -6.99
N LEU A 320 -19.97 4.48 -6.90
CA LEU A 320 -18.82 4.95 -6.11
C LEU A 320 -19.16 5.09 -4.63
N THR A 321 -20.23 5.83 -4.33
CA THR A 321 -20.61 6.03 -2.93
C THR A 321 -20.80 4.69 -2.24
N GLU A 322 -21.49 3.75 -2.90
CA GLU A 322 -21.66 2.41 -2.33
C GLU A 322 -20.32 1.78 -1.99
N ALA A 323 -19.37 1.87 -2.93
CA ALA A 323 -18.05 1.27 -2.72
C ALA A 323 -17.30 1.93 -1.57
N PHE A 324 -17.44 3.25 -1.44
CA PHE A 324 -16.70 3.93 -0.37
C PHE A 324 -17.31 3.62 0.99
N GLU A 325 -18.64 3.63 1.08
CA GLU A 325 -19.31 3.24 2.31
C GLU A 325 -18.93 1.82 2.71
N ALA A 326 -18.91 0.91 1.72
CA ALA A 326 -18.55 -0.48 2.00
C ALA A 326 -17.10 -0.62 2.46
N ASP A 327 -16.19 0.22 1.94
CA ASP A 327 -14.79 0.13 2.39
C ASP A 327 -14.64 0.71 3.79
N LEU A 328 -15.51 1.66 4.13
CA LEU A 328 -15.61 2.14 5.51
C LEU A 328 -15.96 0.99 6.43
N SER A 329 -17.09 0.32 6.16
CA SER A 329 -17.63 -0.78 6.96
C SER A 329 -16.79 -2.06 6.91
N THR A 330 -15.69 -2.10 6.16
CA THR A 330 -14.96 -3.35 5.92
C THR A 330 -14.02 -3.67 7.07
N SER A 331 -14.02 -4.93 7.49
CA SER A 331 -13.14 -5.39 8.57
C SER A 331 -11.72 -5.63 8.05
N TRP A 332 -11.60 -6.59 7.12
CA TRP A 332 -10.32 -7.07 6.61
C TRP A 332 -10.24 -6.80 5.11
N GLY A 333 -9.04 -6.47 4.64
CA GLY A 333 -8.76 -6.47 3.23
C GLY A 333 -8.96 -5.13 2.56
N LYS A 334 -8.58 -5.10 1.28
CA LYS A 334 -8.70 -3.96 0.37
C LYS A 334 -9.97 -4.07 -0.47
N THR A 335 -10.58 -2.91 -0.76
CA THR A 335 -11.74 -2.81 -1.65
C THR A 335 -11.32 -2.45 -3.08
N VAL A 336 -11.59 -3.35 -4.03
CA VAL A 336 -11.19 -3.17 -5.42
C VAL A 336 -12.35 -2.57 -6.22
N LEU A 337 -11.99 -1.76 -7.22
CA LEU A 337 -12.94 -1.08 -8.10
C LEU A 337 -12.64 -1.48 -9.54
N LYS A 338 -13.64 -2.10 -10.20
CA LYS A 338 -13.59 -2.43 -11.62
C LYS A 338 -14.11 -1.20 -12.39
N TRP A 339 -13.21 -0.54 -13.10
CA TRP A 339 -13.51 0.73 -13.77
C TRP A 339 -14.16 0.46 -15.13
N ILE A 340 -15.46 0.75 -15.23
CA ILE A 340 -16.18 0.60 -16.50
C ILE A 340 -17.02 1.84 -16.76
N MET A 341 -16.50 3.01 -16.41
CA MET A 341 -17.13 4.27 -16.77
C MET A 341 -16.95 4.54 -18.28
PA NDP B . -5.29 -1.15 8.90
O1A NDP B . -6.67 -0.57 9.01
O2A NDP B . -5.35 -2.47 8.12
O5B NDP B . -4.67 -1.34 10.43
C5B NDP B . -3.59 -2.31 10.67
C4B NDP B . -3.88 -3.18 11.94
O4B NDP B . -3.21 -2.79 13.00
C3B NDP B . -5.38 -3.10 12.35
O3B NDP B . -5.98 -4.32 12.29
C2B NDP B . -5.42 -2.66 13.82
O2B NDP B . -6.48 -3.51 14.43
C1B NDP B . -4.23 -2.98 14.25
N9A NDP B . -3.80 -2.27 15.46
C8A NDP B . -4.39 -1.24 16.12
N7A NDP B . -3.62 -0.91 17.20
C5A NDP B . -2.59 -1.73 17.21
C6A NDP B . -1.41 -1.84 18.17
N6A NDP B . -1.33 -0.93 19.29
N1A NDP B . -0.42 -2.83 17.94
C2A NDP B . -0.51 -3.74 16.81
N3A NDP B . -1.66 -3.61 15.88
C4A NDP B . -2.69 -2.58 16.13
O3 NDP B . -4.27 -0.13 8.03
PN NDP B . -2.91 -0.61 7.15
O1N NDP B . -2.43 -1.99 7.60
O2N NDP B . -3.26 -0.72 5.71
O5D NDP B . -1.75 0.58 7.36
C5D NDP B . -1.83 1.46 8.50
C4D NDP B . -1.03 2.67 8.42
O4D NDP B . 0.03 2.65 7.26
C3D NDP B . -1.89 3.93 8.15
O3D NDP B . -1.49 5.04 9.06
C2D NDP B . -1.66 4.23 6.85
O2D NDP B . -1.88 5.64 6.50
C1D NDP B . -0.11 3.78 6.60
N1N NDP B . 0.31 3.73 5.19
C2N NDP B . 1.67 4.20 4.88
C3N NDP B . 2.19 4.40 3.45
C7N NDP B . 3.67 4.93 3.26
O7N NDP B . 3.98 5.48 2.23
N7N NDP B . 4.63 4.76 4.35
C4N NDP B . 1.37 3.81 2.27
C5N NDP B . -0.10 3.54 2.63
C6N NDP B . -0.54 3.24 4.09
P2B NDP B . -7.79 -2.71 14.98
O1X NDP B . -7.39 -1.50 15.81
O2X NDP B . -8.57 -2.23 13.78
O3X NDP B . -8.58 -3.68 15.85
#